data_5HBN
#
_entry.id   5HBN
#
_cell.length_a   84.600
_cell.length_b   84.600
_cell.length_c   29.850
_cell.angle_alpha   90.00
_cell.angle_beta   90.00
_cell.angle_gamma   120.00
#
_symmetry.space_group_name_H-M   'P 65'
#
loop_
_entity.id
_entity.type
_entity.pdbx_description
1 polymer 'Negative regulator of genetic competence ClpC/MecB'
2 non-polymer 'SULFATE ION'
3 non-polymer phospho-arginine
4 non-polymer 'ACETATE ION'
5 water water
#
_entity_poly.entity_id   1
_entity_poly.type   'polypeptide(L)'
_entity_poly.pdbx_seq_one_letter_code
;MMFGRFTERAQKVLALAQEEALRLGHNNIGTEHILLGLVREGEGIAAKALQALGLGSEKIQKEVESLIGRGQEMSQTIHY
TPRAKKVIELSMDEARKLGHSYVGTEHILLGLIREGEGVAARVLNNLGVSLNKARQQVLQLLGSNETGSSHHHHHH
;
_entity_poly.pdbx_strand_id   A
#
# COMPACT_ATOMS: atom_id res chain seq x y z
N ARG A 5 -6.33 -16.55 -3.98
N ARG A 5 -7.12 -15.37 -4.65
CA ARG A 5 -5.57 -15.63 -4.80
CA ARG A 5 -5.70 -15.61 -4.81
C ARG A 5 -4.97 -14.50 -3.98
C ARG A 5 -4.90 -14.81 -3.76
N PHE A 6 -5.62 -14.12 -2.86
CA PHE A 6 -5.02 -13.19 -1.90
C PHE A 6 -4.86 -13.86 -0.55
N THR A 7 -3.77 -13.54 0.14
CA THR A 7 -3.60 -14.00 1.51
C THR A 7 -4.62 -13.33 2.41
N GLU A 8 -4.76 -13.89 3.61
CA GLU A 8 -5.69 -13.33 4.58
C GLU A 8 -5.31 -11.90 4.95
N ARG A 9 -4.01 -11.62 5.09
CA ARG A 9 -3.61 -10.27 5.47
C ARG A 9 -3.72 -9.29 4.30
N ALA A 10 -3.55 -9.76 3.06
CA ALA A 10 -3.82 -8.90 1.91
C ALA A 10 -5.31 -8.53 1.84
N GLN A 11 -6.18 -9.48 2.16
CA GLN A 11 -7.60 -9.14 2.26
C GLN A 11 -7.85 -8.07 3.31
N LYS A 12 -7.19 -8.15 4.47
CA LYS A 12 -7.32 -7.10 5.49
C LYS A 12 -6.87 -5.74 4.97
N VAL A 13 -5.76 -5.69 4.23
CA VAL A 13 -5.30 -4.44 3.63
C VAL A 13 -6.37 -3.83 2.74
N LEU A 14 -7.01 -4.65 1.89
CA LEU A 14 -8.02 -4.11 0.99
C LEU A 14 -9.23 -3.62 1.76
N ALA A 15 -9.59 -4.28 2.86
CA ALA A 15 -10.64 -3.76 3.71
C ALA A 15 -10.26 -2.43 4.31
N LEU A 16 -9.03 -2.31 4.81
CA LEU A 16 -8.63 -1.05 5.44
C LEU A 16 -8.46 0.08 4.45
N ALA A 17 -8.10 -0.21 3.21
CA ALA A 17 -8.06 0.82 2.18
C ALA A 17 -9.42 1.45 2.00
N GLN A 18 -10.48 0.62 1.95
CA GLN A 18 -11.83 1.16 1.83
C GLN A 18 -12.27 1.86 3.10
N GLU A 19 -11.93 1.30 4.26
CA GLU A 19 -12.23 1.90 5.54
C GLU A 19 -11.67 3.31 5.62
N GLU A 20 -10.43 3.47 5.17
CA GLU A 20 -9.77 4.77 5.32
C GLU A 20 -10.36 5.79 4.37
N ALA A 21 -10.71 5.37 3.15
CA ALA A 21 -11.35 6.28 2.22
C ALA A 21 -12.66 6.80 2.78
N LEU A 22 -13.48 5.91 3.36
CA LEU A 22 -14.71 6.36 4.02
C LEU A 22 -14.41 7.28 5.21
N ARG A 23 -13.53 6.83 6.11
CA ARG A 23 -13.25 7.56 7.33
C ARG A 23 -12.78 8.98 7.06
N LEU A 24 -11.99 9.17 5.99
CA LEU A 24 -11.42 10.49 5.66
C LEU A 24 -12.32 11.35 4.79
N GLY A 25 -13.51 10.87 4.43
CA GLY A 25 -14.42 11.61 3.58
C GLY A 25 -14.00 11.69 2.14
N HIS A 26 -13.33 10.66 1.63
CA HIS A 26 -12.90 10.63 0.24
C HIS A 26 -13.84 9.73 -0.57
N ASN A 27 -14.11 10.12 -1.82
CA ASN A 27 -14.96 9.34 -2.70
C ASN A 27 -14.17 8.38 -3.58
N ASN A 28 -12.85 8.38 -3.45
CA ASN A 28 -12.01 7.46 -4.20
C ASN A 28 -11.23 6.59 -3.23
N ILE A 29 -10.97 5.36 -3.66
CA ILE A 29 -10.00 4.48 -3.01
C ILE A 29 -8.77 4.54 -3.91
N GLY A 30 -7.76 5.31 -3.50
CA GLY A 30 -6.59 5.54 -4.31
C GLY A 30 -5.36 4.83 -3.78
N THR A 31 -4.23 5.08 -4.46
CA THR A 31 -2.96 4.52 -4.00
C THR A 31 -2.67 4.93 -2.56
N GLU A 32 -3.10 6.14 -2.14
CA GLU A 32 -2.83 6.58 -0.78
C GLU A 32 -3.59 5.74 0.24
N HIS A 33 -4.77 5.26 -0.12
CA HIS A 33 -5.52 4.39 0.80
C HIS A 33 -4.96 2.99 0.83
N ILE A 34 -4.46 2.49 -0.29
CA ILE A 34 -3.73 1.23 -0.28
C ILE A 34 -2.54 1.34 0.66
N LEU A 35 -1.77 2.44 0.56
CA LEU A 35 -0.63 2.62 1.44
C LEU A 35 -1.06 2.67 2.90
N LEU A 36 -2.14 3.39 3.20
CA LEU A 36 -2.64 3.40 4.57
C LEU A 36 -3.04 2.00 5.03
N GLY A 37 -3.72 1.24 4.17
CA GLY A 37 -4.08 -0.10 4.52
C GLY A 37 -2.88 -1.00 4.80
N LEU A 38 -1.81 -0.88 4.00
CA LEU A 38 -0.62 -1.67 4.22
C LEU A 38 -0.01 -1.40 5.58
N VAL A 39 0.07 -0.13 5.99
CA VAL A 39 0.76 0.16 7.24
C VAL A 39 -0.17 -0.07 8.44
N ARG A 40 -1.45 0.23 8.30
CA ARG A 40 -2.35 0.08 9.45
C ARG A 40 -2.76 -1.35 9.70
N GLU A 41 -2.66 -2.23 8.71
CA GLU A 41 -2.91 -3.63 8.98
C GLU A 41 -1.99 -4.17 10.06
N GLY A 42 -0.76 -3.67 10.11
CA GLY A 42 0.10 -3.75 11.28
C GLY A 42 0.69 -5.10 11.60
N GLU A 43 0.56 -6.09 10.73
CA GLU A 43 0.98 -7.44 11.10
C GLU A 43 1.67 -8.14 9.95
N GLY A 44 1.21 -7.87 8.73
CA GLY A 44 1.71 -8.55 7.56
C GLY A 44 3.14 -8.14 7.20
N ILE A 45 3.68 -8.85 6.22
CA ILE A 45 5.05 -8.57 5.79
C ILE A 45 5.19 -7.12 5.34
N ALA A 46 4.16 -6.57 4.65
CA ALA A 46 4.28 -5.19 4.21
C ALA A 46 4.42 -4.24 5.40
N ALA A 47 3.59 -4.42 6.45
CA ALA A 47 3.69 -3.51 7.57
C ALA A 47 5.05 -3.60 8.23
N LYS A 48 5.61 -4.81 8.32
CA LYS A 48 6.91 -4.99 8.92
C LYS A 48 8.02 -4.40 8.03
N ALA A 49 7.91 -4.56 6.72
CA ALA A 49 8.86 -3.96 5.79
C ALA A 49 8.77 -2.44 5.81
N LEU A 50 7.56 -1.87 5.82
CA LEU A 50 7.43 -0.42 5.89
C LEU A 50 8.05 0.08 7.18
N GLN A 51 7.79 -0.63 8.28
CA GLN A 51 8.36 -0.18 9.55
C GLN A 51 9.89 -0.27 9.52
N ALA A 52 10.43 -1.32 8.87
CA ALA A 52 11.90 -1.47 8.76
C ALA A 52 12.50 -0.31 7.98
N LEU A 53 11.73 0.31 7.10
CA LEU A 53 12.19 1.46 6.31
C LEU A 53 11.91 2.79 6.98
N GLY A 54 11.46 2.79 8.23
CA GLY A 54 11.14 4.03 8.93
C GLY A 54 9.85 4.68 8.50
N LEU A 55 8.90 3.87 8.01
CA LEU A 55 7.61 4.36 7.53
C LEU A 55 6.51 3.87 8.46
N GLY A 56 6.25 4.64 9.47
CA GLY A 56 5.29 4.24 10.47
C GLY A 56 3.89 4.70 10.14
N SER A 57 2.94 4.03 10.82
CA SER A 57 1.52 4.28 10.62
C SER A 57 1.14 5.74 10.85
N GLU A 58 1.57 6.31 11.99
CA GLU A 58 1.15 7.67 12.32
C GLU A 58 1.71 8.69 11.33
N LYS A 59 2.98 8.51 10.93
CA LYS A 59 3.58 9.37 9.91
C LYS A 59 2.82 9.33 8.59
N ILE A 60 2.50 8.12 8.11
CA ILE A 60 1.79 8.02 6.85
C ILE A 60 0.41 8.64 6.97
N GLN A 61 -0.28 8.43 8.10
CA GLN A 61 -1.58 9.03 8.30
CA GLN A 61 -1.58 9.04 8.32
C GLN A 61 -1.49 10.56 8.20
N LYS A 62 -0.52 11.14 8.89
CA LYS A 62 -0.34 12.60 8.86
C LYS A 62 -0.06 13.10 7.45
N GLU A 63 0.78 12.40 6.69
CA GLU A 63 1.10 12.82 5.34
C GLU A 63 -0.11 12.79 4.43
N VAL A 64 -0.88 11.70 4.46
CA VAL A 64 -2.06 11.63 3.59
C VAL A 64 -3.02 12.76 3.94
N GLU A 65 -3.27 12.97 5.22
CA GLU A 65 -4.26 13.99 5.57
C GLU A 65 -3.75 15.38 5.20
N SER A 66 -2.44 15.61 5.32
CA SER A 66 -1.87 16.90 4.94
CA SER A 66 -1.87 16.90 4.95
C SER A 66 -1.92 17.12 3.43
N LEU A 67 -1.56 16.10 2.65
CA LEU A 67 -1.51 16.29 1.21
C LEU A 67 -2.90 16.35 0.58
N ILE A 68 -3.85 15.58 1.08
CA ILE A 68 -5.16 15.50 0.48
C ILE A 68 -6.20 16.27 1.29
N GLY A 69 -6.11 16.21 2.61
CA GLY A 69 -7.13 16.77 3.48
C GLY A 69 -8.26 15.80 3.72
N ARG A 70 -9.11 16.11 4.68
CA ARG A 70 -10.29 15.28 4.93
C ARG A 70 -11.52 15.92 4.29
N GLY A 71 -12.48 15.07 3.96
CA GLY A 71 -13.74 15.49 3.37
C GLY A 71 -14.74 16.12 4.31
N GLN A 72 -14.45 16.16 5.61
CA GLN A 72 -15.33 16.78 6.60
C GLN A 72 -16.75 16.24 6.52
N GLU A 73 -16.91 15.06 5.93
CA GLU A 73 -18.20 14.43 5.75
C GLU A 73 -17.92 13.06 5.16
N MET A 74 -18.10 12.01 5.95
CA MET A 74 -17.84 10.67 5.46
C MET A 74 -18.49 10.50 4.09
N SER A 75 -17.73 9.94 3.16
CA SER A 75 -18.17 9.88 1.78
C SER A 75 -19.34 8.91 1.65
N GLN A 76 -20.13 9.10 0.60
CA GLN A 76 -21.31 8.27 0.37
C GLN A 76 -20.99 7.06 -0.50
N THR A 77 -20.09 7.21 -1.47
CA THR A 77 -19.72 6.12 -2.35
C THR A 77 -18.21 6.15 -2.54
N ILE A 78 -17.64 4.98 -2.78
CA ILE A 78 -16.20 4.82 -2.92
C ILE A 78 -15.91 3.85 -4.05
N HIS A 79 -15.02 4.24 -4.96
CA HIS A 79 -14.59 3.37 -6.04
C HIS A 79 -13.07 3.51 -6.19
N TYR A 80 -12.42 2.41 -6.58
CA TYR A 80 -10.97 2.44 -6.77
C TYR A 80 -10.62 3.35 -7.94
N THR A 81 -9.50 4.06 -7.81
CA THR A 81 -9.02 4.87 -8.92
C THR A 81 -8.36 3.95 -9.95
N PRO A 82 -8.16 4.45 -11.18
CA PRO A 82 -7.41 3.65 -12.15
C PRO A 82 -6.03 3.25 -11.68
N ARG A 83 -5.31 4.15 -11.01
CA ARG A 83 -3.98 3.79 -10.53
CA ARG A 83 -3.98 3.79 -10.53
C ARG A 83 -4.06 2.75 -9.44
N ALA A 84 -5.06 2.84 -8.56
CA ALA A 84 -5.16 1.84 -7.50
C ALA A 84 -5.48 0.47 -8.10
N LYS A 85 -6.36 0.43 -9.09
CA LYS A 85 -6.64 -0.80 -9.80
C LYS A 85 -5.37 -1.35 -10.44
N LYS A 86 -4.56 -0.48 -11.06
CA LYS A 86 -3.29 -0.92 -11.64
C LYS A 86 -2.35 -1.47 -10.58
N VAL A 87 -2.31 -0.87 -9.39
CA VAL A 87 -1.46 -1.39 -8.31
C VAL A 87 -1.87 -2.81 -7.95
N ILE A 88 -3.18 -3.07 -7.84
CA ILE A 88 -3.61 -4.42 -7.48
C ILE A 88 -3.30 -5.40 -8.59
N GLU A 89 -3.46 -5.00 -9.86
CA GLU A 89 -3.07 -5.88 -10.95
CA GLU A 89 -3.06 -5.85 -10.98
C GLU A 89 -1.56 -6.13 -10.94
N LEU A 90 -0.77 -5.11 -10.65
CA LEU A 90 0.67 -5.28 -10.56
C LEU A 90 1.03 -6.21 -9.42
N SER A 91 0.25 -6.18 -8.33
CA SER A 91 0.56 -7.04 -7.20
C SER A 91 0.45 -8.51 -7.60
N MET A 92 -0.50 -8.84 -8.46
CA MET A 92 -0.60 -10.21 -8.94
C MET A 92 0.62 -10.59 -9.77
N ASP A 93 1.10 -9.67 -10.62
CA ASP A 93 2.31 -9.89 -11.41
C ASP A 93 3.52 -10.02 -10.51
N GLU A 94 3.61 -9.18 -9.48
CA GLU A 94 4.73 -9.27 -8.54
C GLU A 94 4.75 -10.61 -7.81
N ALA A 95 3.60 -11.11 -7.39
CA ALA A 95 3.55 -12.40 -6.71
C ALA A 95 3.99 -13.50 -7.65
N ARG A 96 3.51 -13.47 -8.89
CA ARG A 96 3.89 -14.48 -9.88
C ARG A 96 5.40 -14.52 -10.08
N LYS A 97 6.00 -13.35 -10.25
CA LYS A 97 7.44 -13.23 -10.56
C LYS A 97 8.29 -13.76 -9.41
N LEU A 98 7.73 -13.82 -8.20
CA LEU A 98 8.41 -14.30 -7.02
C LEU A 98 8.02 -15.74 -6.68
N GLY A 99 7.26 -16.40 -7.54
CA GLY A 99 6.95 -17.79 -7.31
C GLY A 99 5.87 -18.04 -6.29
N HIS A 100 4.97 -17.07 -6.09
CA HIS A 100 3.89 -17.18 -5.13
C HIS A 100 2.59 -17.34 -5.87
N SER A 101 1.78 -18.29 -5.41
CA SER A 101 0.43 -18.48 -5.90
C SER A 101 -0.54 -17.54 -5.23
N TYR A 102 -0.25 -17.14 -4.00
CA TYR A 102 -1.11 -16.21 -3.25
C TYR A 102 -0.44 -14.85 -3.22
N VAL A 103 -1.24 -13.81 -3.48
CA VAL A 103 -0.80 -12.42 -3.38
C VAL A 103 -0.83 -11.98 -1.93
N GLY A 104 0.33 -11.65 -1.38
CA GLY A 104 0.44 -11.18 -0.02
C GLY A 104 0.59 -9.66 0.07
N THR A 105 0.55 -9.18 1.31
CA THR A 105 0.70 -7.75 1.53
C THR A 105 1.97 -7.22 0.91
N GLU A 106 3.05 -8.01 0.93
CA GLU A 106 4.32 -7.52 0.35
C GLU A 106 4.22 -7.34 -1.16
N HIS A 107 3.35 -8.10 -1.82
CA HIS A 107 3.19 -7.96 -3.27
C HIS A 107 2.35 -6.75 -3.63
N ILE A 108 1.36 -6.42 -2.78
CA ILE A 108 0.67 -5.16 -2.91
C ILE A 108 1.65 -3.99 -2.72
N LEU A 109 2.50 -4.08 -1.70
CA LEU A 109 3.52 -3.04 -1.49
C LEU A 109 4.46 -2.94 -2.70
N LEU A 110 4.96 -4.08 -3.20
CA LEU A 110 5.82 -4.02 -4.40
C LEU A 110 5.07 -3.47 -5.59
N GLY A 111 3.79 -3.81 -5.76
CA GLY A 111 3.03 -3.24 -6.87
C GLY A 111 2.90 -1.73 -6.76
N LEU A 112 2.72 -1.23 -5.54
CA LEU A 112 2.58 0.20 -5.29
C LEU A 112 3.86 0.94 -5.64
N ILE A 113 5.00 0.40 -5.19
CA ILE A 113 6.31 0.97 -5.47
C ILE A 113 6.60 0.94 -6.97
N ARG A 114 6.29 -0.19 -7.60
CA ARG A 114 6.53 -0.40 -9.03
C ARG A 114 5.72 0.57 -9.87
N GLU A 115 4.45 0.79 -9.49
CA GLU A 115 3.63 1.78 -10.20
C GLU A 115 4.28 3.15 -10.09
N GLY A 116 4.72 3.49 -8.89
CA GLY A 116 5.64 4.59 -8.69
C GLY A 116 5.07 5.95 -8.93
N GLU A 117 3.75 6.08 -8.97
CA GLU A 117 3.08 7.33 -9.26
C GLU A 117 1.92 7.54 -8.29
N GLY A 118 1.14 8.56 -8.54
CA GLY A 118 0.00 8.83 -7.71
C GLY A 118 0.32 9.42 -6.35
N VAL A 119 -0.75 9.56 -5.56
CA VAL A 119 -0.61 10.21 -4.26
C VAL A 119 0.35 9.42 -3.38
N ALA A 120 0.30 8.08 -3.42
CA ALA A 120 1.20 7.34 -2.55
C ALA A 120 2.67 7.66 -2.85
N ALA A 121 3.02 7.86 -4.12
CA ALA A 121 4.38 8.23 -4.47
C ALA A 121 4.77 9.56 -3.84
N ARG A 122 3.83 10.51 -3.73
CA ARG A 122 4.14 11.79 -3.10
C ARG A 122 4.34 11.63 -1.61
N VAL A 123 3.50 10.83 -0.96
CA VAL A 123 3.72 10.53 0.45
C VAL A 123 5.13 9.98 0.66
N LEU A 124 5.49 8.94 -0.13
CA LEU A 124 6.80 8.33 0.06
C LEU A 124 7.91 9.32 -0.24
N ASN A 125 7.74 10.16 -1.27
CA ASN A 125 8.77 11.16 -1.55
C ASN A 125 8.92 12.14 -0.40
N ASN A 126 7.81 12.52 0.24
CA ASN A 126 7.92 13.42 1.38
C ASN A 126 8.69 12.81 2.52
N LEU A 127 8.75 11.48 2.61
CA LEU A 127 9.55 10.82 3.63
C LEU A 127 10.90 10.37 3.13
N GLY A 128 11.41 11.01 2.07
CA GLY A 128 12.74 10.74 1.58
C GLY A 128 12.96 9.32 1.12
N VAL A 129 11.94 8.73 0.52
CA VAL A 129 12.02 7.38 -0.02
C VAL A 129 12.29 7.46 -1.51
N SER A 130 13.37 6.84 -1.93
CA SER A 130 13.63 6.62 -3.35
C SER A 130 12.99 5.29 -3.70
N LEU A 131 12.07 5.31 -4.65
CA LEU A 131 11.26 4.10 -4.87
C LEU A 131 12.10 2.94 -5.35
N ASN A 132 13.11 3.18 -6.20
N ASN A 132 13.09 3.19 -6.22
CA ASN A 132 13.92 2.06 -6.66
CA ASN A 132 13.97 2.11 -6.67
C ASN A 132 14.75 1.47 -5.53
C ASN A 132 14.68 1.47 -5.49
N LYS A 133 15.23 2.29 -4.60
CA LYS A 133 15.95 1.76 -3.46
C LYS A 133 15.02 1.00 -2.53
N ALA A 134 13.83 1.54 -2.28
CA ALA A 134 12.87 0.83 -1.43
C ALA A 134 12.50 -0.50 -2.04
N ARG A 135 12.34 -0.54 -3.36
CA ARG A 135 12.03 -1.82 -4.02
C ARG A 135 13.15 -2.81 -3.77
N GLN A 136 14.39 -2.38 -3.96
CA GLN A 136 15.54 -3.22 -3.70
C GLN A 136 15.56 -3.71 -2.26
N GLN A 137 15.24 -2.83 -1.31
CA GLN A 137 15.27 -3.18 0.10
C GLN A 137 14.17 -4.16 0.46
N VAL A 138 12.96 -3.96 -0.09
CA VAL A 138 11.89 -4.90 0.18
C VAL A 138 12.27 -6.28 -0.35
N LEU A 139 12.84 -6.33 -1.55
CA LEU A 139 13.20 -7.61 -2.14
C LEU A 139 14.31 -8.26 -1.35
N GLN A 140 15.26 -7.49 -0.82
CA GLN A 140 16.27 -8.03 0.08
C GLN A 140 15.66 -8.65 1.33
N LEU A 141 14.63 -8.00 1.89
CA LEU A 141 13.95 -8.58 3.05
C LEU A 141 13.24 -9.89 2.68
N LEU A 142 12.59 -9.93 1.53
CA LEU A 142 11.91 -11.16 1.11
C LEU A 142 12.91 -12.26 0.78
N GLY A 143 14.08 -11.88 0.29
CA GLY A 143 15.11 -12.87 0.00
C GLY A 143 15.84 -13.35 1.21
N SER A 144 15.55 -12.79 2.37
CA SER A 144 16.16 -13.15 3.64
C SER A 144 15.22 -13.92 4.55
N ASN A 145 13.97 -14.10 4.14
CA ASN A 145 12.94 -14.65 5.00
C ASN A 145 12.10 -15.66 4.23
N GLU A 146 11.57 -16.65 4.95
CA GLU A 146 10.60 -17.56 4.34
C GLU A 146 9.22 -16.91 4.42
N THR A 147 8.57 -16.76 3.28
CA THR A 147 7.33 -15.99 3.20
C THR A 147 6.24 -16.75 2.47
N GLY A 148 6.35 -18.06 2.35
CA GLY A 148 5.36 -18.81 1.61
C GLY A 148 4.07 -18.99 2.40
N SER A 149 2.99 -19.27 1.66
CA SER A 149 1.71 -19.69 2.25
C SER A 149 1.90 -20.95 3.09
#